data_7UGA
#
_entry.id   7UGA
#
_entity_poly.entity_id   1
_entity_poly.type   'polyribonucleotide'
_entity_poly.pdbx_seq_one_letter_code
;GGGUGUAGAAAAGUAAGGGAAACUCAAACCCCUUUCUACACCC
;
_entity_poly.pdbx_strand_id   A
#
loop_
_chem_comp.id
_chem_comp.type
_chem_comp.name
_chem_comp.formula
A RNA linking ADENOSINE-5'-MONOPHOSPHATE 'C10 H14 N5 O7 P'
C RNA linking CYTIDINE-5'-MONOPHOSPHATE 'C9 H14 N3 O8 P'
G RNA linking GUANOSINE-5'-MONOPHOSPHATE 'C10 H14 N5 O8 P'
U RNA linking URIDINE-5'-MONOPHOSPHATE 'C9 H13 N2 O9 P'
#